data_1RL0
#
_entry.id   1RL0
#
_cell.length_a   37.568
_cell.length_b   78.654
_cell.length_c   43.136
_cell.angle_alpha   90.00
_cell.angle_beta   105.39
_cell.angle_gamma   90.00
#
_symmetry.space_group_name_H-M   'P 1 21 1'
#
loop_
_entity.id
_entity.type
_entity.pdbx_description
1 polymer 'Antiviral protein DAP-30'
2 water water
#
_entity_poly.entity_id   1
_entity_poly.type   'polypeptide(L)'
_entity_poly.pdbx_seq_one_letter_code
;ATAYTLNLANPSASQYSSFLDQIRNNVRDTSLIYGGTDVAVIGAPSTTDKFLRLNFQGPRGTVSLGLRRENLYVVAYLAM
DNANVNRAYYFKNQITSAELTALFPEVVVANQKQLEYGEDYQAIEKNAKITTGDQSRKELGLGINLLITMIDGVNKKVRV
VKDEARFLLIAIQMTAEAARFRYIQNLVTKNFPNKFDSENKVIQFQVSWSKISTAIFGDCKNGVFNKDYDFGFGKVRQAK
DLQMGLLKYLGRPKS
;
_entity_poly.pdbx_strand_id   A
#
# COMPACT_ATOMS: atom_id res chain seq x y z
N ALA A 1 1.91 -7.36 -16.49
CA ALA A 1 1.90 -7.87 -15.08
C ALA A 1 0.51 -8.35 -14.68
N THR A 2 0.45 -9.15 -13.62
CA THR A 2 -0.81 -9.65 -13.11
C THR A 2 -1.59 -8.46 -12.55
N ALA A 3 -2.92 -8.47 -12.69
CA ALA A 3 -3.74 -7.35 -12.21
C ALA A 3 -5.01 -7.74 -11.44
N TYR A 4 -5.24 -7.04 -10.34
CA TYR A 4 -6.43 -7.26 -9.50
C TYR A 4 -7.25 -5.96 -9.51
N THR A 5 -8.56 -6.07 -9.53
CA THR A 5 -9.45 -4.92 -9.57
C THR A 5 -10.38 -4.73 -8.37
N LEU A 6 -10.48 -3.48 -7.89
CA LEU A 6 -11.36 -3.12 -6.78
C LEU A 6 -12.51 -2.30 -7.37
N ASN A 7 -13.73 -2.82 -7.28
CA ASN A 7 -14.90 -2.13 -7.82
C ASN A 7 -15.43 -1.05 -6.87
N LEU A 8 -15.23 0.21 -7.26
CA LEU A 8 -15.68 1.34 -6.45
C LEU A 8 -17.01 1.93 -6.95
N ALA A 9 -17.64 1.24 -7.90
CA ALA A 9 -18.92 1.68 -8.45
C ALA A 9 -20.03 1.07 -7.60
N ASN A 10 -19.74 -0.12 -7.07
CA ASN A 10 -20.66 -0.86 -6.21
C ASN A 10 -19.81 -1.52 -5.13
N PRO A 11 -19.28 -0.71 -4.20
CA PRO A 11 -18.43 -1.24 -3.12
C PRO A 11 -19.12 -2.04 -2.01
N SER A 12 -18.38 -2.97 -1.44
CA SER A 12 -18.84 -3.81 -0.34
C SER A 12 -17.63 -4.20 0.51
N ALA A 13 -17.86 -4.37 1.81
CA ALA A 13 -16.80 -4.74 2.75
C ALA A 13 -16.15 -6.08 2.40
N SER A 14 -16.95 -7.07 2.03
CA SER A 14 -16.44 -8.39 1.68
C SER A 14 -15.50 -8.36 0.48
N GLN A 15 -15.85 -7.55 -0.53
CA GLN A 15 -15.02 -7.43 -1.72
C GLN A 15 -13.68 -6.76 -1.42
N TYR A 16 -13.68 -5.78 -0.51
CA TYR A 16 -12.44 -5.09 -0.15
C TYR A 16 -11.51 -6.09 0.54
N SER A 17 -12.06 -6.90 1.45
CA SER A 17 -11.26 -7.89 2.15
C SER A 17 -10.68 -8.94 1.19
N SER A 18 -11.48 -9.36 0.20
CA SER A 18 -11.02 -10.33 -0.80
C SER A 18 -9.87 -9.76 -1.63
N PHE A 19 -9.97 -8.48 -1.96
CA PHE A 19 -8.96 -7.74 -2.74
C PHE A 19 -7.61 -7.78 -1.99
N LEU A 20 -7.62 -7.48 -0.69
CA LEU A 20 -6.39 -7.51 0.10
C LEU A 20 -5.77 -8.91 0.19
N ASP A 21 -6.61 -9.94 0.31
CA ASP A 21 -6.12 -11.32 0.38
C ASP A 21 -5.51 -11.76 -0.97
N GLN A 22 -6.00 -11.21 -2.08
CA GLN A 22 -5.43 -11.54 -3.40
C GLN A 22 -3.99 -11.00 -3.46
N ILE A 23 -3.77 -9.82 -2.89
CA ILE A 23 -2.43 -9.21 -2.86
C ILE A 23 -1.49 -10.08 -1.99
N ARG A 24 -1.94 -10.41 -0.78
CA ARG A 24 -1.15 -11.23 0.16
C ARG A 24 -0.79 -12.60 -0.45
N ASN A 25 -1.77 -13.27 -1.05
CA ASN A 25 -1.55 -14.59 -1.65
C ASN A 25 -0.66 -14.59 -2.89
N ASN A 26 -0.64 -13.48 -3.61
CA ASN A 26 0.18 -13.36 -4.81
C ASN A 26 1.67 -13.24 -4.51
N VAL A 27 2.03 -12.45 -3.50
CA VAL A 27 3.44 -12.23 -3.17
C VAL A 27 4.11 -13.12 -2.11
N ARG A 28 3.31 -13.88 -1.35
CA ARG A 28 3.87 -14.74 -0.29
C ARG A 28 4.52 -16.05 -0.76
N ASP A 29 5.42 -16.58 0.07
CA ASP A 29 6.07 -17.88 -0.15
C ASP A 29 5.45 -18.71 0.98
N THR A 30 4.52 -19.60 0.65
CA THR A 30 3.84 -20.42 1.64
C THR A 30 4.74 -21.33 2.48
N SER A 31 5.97 -21.58 2.02
CA SER A 31 6.89 -22.45 2.78
C SER A 31 7.65 -21.72 3.90
N LEU A 32 7.49 -20.40 3.99
CA LEU A 32 8.17 -19.62 5.04
C LEU A 32 7.26 -19.43 6.27
N ILE A 33 7.72 -19.93 7.41
CA ILE A 33 7.00 -19.83 8.69
C ILE A 33 7.89 -19.07 9.67
N TYR A 34 7.50 -17.84 10.01
CA TYR A 34 8.27 -17.00 10.93
C TYR A 34 7.74 -17.06 12.38
N GLY A 35 8.64 -17.34 13.32
CA GLY A 35 8.30 -17.40 14.74
C GLY A 35 7.19 -18.34 15.15
N GLY A 36 6.92 -19.36 14.34
CA GLY A 36 5.86 -20.29 14.66
C GLY A 36 4.47 -19.70 14.54
N THR A 37 4.33 -18.63 13.75
CA THR A 37 3.03 -17.97 13.54
C THR A 37 2.43 -18.36 12.18
N ASP A 38 1.16 -18.03 11.98
CA ASP A 38 0.47 -18.33 10.73
C ASP A 38 0.40 -17.13 9.79
N VAL A 39 1.15 -16.07 10.09
CA VAL A 39 1.14 -14.87 9.26
C VAL A 39 1.88 -15.06 7.93
N ALA A 40 1.30 -14.55 6.84
CA ALA A 40 1.92 -14.65 5.51
C ALA A 40 3.25 -13.87 5.47
N VAL A 41 4.23 -14.40 4.73
CA VAL A 41 5.54 -13.78 4.57
C VAL A 41 5.90 -13.57 3.08
N ILE A 42 6.33 -12.36 2.70
CA ILE A 42 6.71 -12.10 1.31
C ILE A 42 7.92 -12.97 0.92
N GLY A 43 7.90 -13.50 -0.31
CA GLY A 43 8.99 -14.35 -0.78
C GLY A 43 10.22 -13.58 -1.26
N ALA A 44 11.28 -14.32 -1.60
CA ALA A 44 12.53 -13.72 -2.07
C ALA A 44 12.36 -12.99 -3.41
N PRO A 45 13.23 -12.01 -3.71
CA PRO A 45 13.15 -11.25 -4.97
C PRO A 45 13.23 -12.12 -6.22
N SER A 46 12.47 -11.75 -7.25
CA SER A 46 12.45 -12.46 -8.51
C SER A 46 12.64 -11.47 -9.66
N THR A 47 13.22 -11.96 -10.77
CA THR A 47 13.43 -11.11 -11.94
C THR A 47 12.47 -11.49 -13.07
N THR A 48 11.71 -12.55 -12.85
CA THR A 48 10.76 -13.02 -13.86
C THR A 48 9.35 -12.44 -13.66
N ASP A 49 9.13 -11.82 -12.50
CA ASP A 49 7.83 -11.23 -12.19
C ASP A 49 8.06 -10.16 -11.10
N LYS A 50 8.48 -8.98 -11.54
CA LYS A 50 8.81 -7.88 -10.64
C LYS A 50 7.70 -6.95 -10.14
N PHE A 51 6.62 -6.78 -10.91
CA PHE A 51 5.56 -5.85 -10.51
C PHE A 51 4.13 -6.39 -10.45
N LEU A 52 3.25 -5.64 -9.78
CA LEU A 52 1.84 -5.99 -9.61
C LEU A 52 0.96 -4.77 -9.91
N ARG A 53 -0.11 -4.98 -10.69
CA ARG A 53 -1.05 -3.90 -11.06
C ARG A 53 -2.38 -3.96 -10.30
N LEU A 54 -2.78 -2.82 -9.74
CA LEU A 54 -4.05 -2.72 -8.98
C LEU A 54 -4.94 -1.65 -9.62
N ASN A 55 -6.16 -2.03 -10.02
CA ASN A 55 -7.10 -1.11 -10.66
C ASN A 55 -8.22 -0.60 -9.75
N PHE A 56 -8.39 0.72 -9.68
CA PHE A 56 -9.46 1.34 -8.88
C PHE A 56 -10.54 1.70 -9.92
N GLN A 57 -11.52 0.82 -10.09
CA GLN A 57 -12.58 1.01 -11.09
C GLN A 57 -13.77 1.85 -10.61
N GLY A 58 -13.98 3.00 -11.24
CA GLY A 58 -15.08 3.86 -10.87
C GLY A 58 -16.10 4.07 -11.99
N PRO A 59 -17.26 4.69 -11.70
CA PRO A 59 -18.28 4.92 -12.71
C PRO A 59 -17.85 5.81 -13.88
N ARG A 60 -16.94 6.75 -13.61
CA ARG A 60 -16.49 7.69 -14.65
C ARG A 60 -15.03 7.48 -15.10
N GLY A 61 -14.47 6.33 -14.81
CA GLY A 61 -13.09 6.06 -15.21
C GLY A 61 -12.32 5.19 -14.25
N THR A 62 -11.16 4.69 -14.70
CA THR A 62 -10.31 3.84 -13.88
C THR A 62 -8.90 4.44 -13.71
N VAL A 63 -8.42 4.43 -12.45
CA VAL A 63 -7.08 4.92 -12.11
C VAL A 63 -6.35 3.70 -11.54
N SER A 64 -5.10 3.50 -11.94
CA SER A 64 -4.33 2.32 -11.51
C SER A 64 -3.02 2.63 -10.77
N LEU A 65 -2.63 1.71 -9.88
CA LEU A 65 -1.41 1.85 -9.08
C LEU A 65 -0.48 0.63 -9.29
N GLY A 66 0.82 0.88 -9.43
CA GLY A 66 1.77 -0.21 -9.60
C GLY A 66 2.69 -0.38 -8.40
N LEU A 67 2.85 -1.61 -7.93
CA LEU A 67 3.69 -1.92 -6.75
C LEU A 67 4.75 -2.97 -7.07
N ARG A 68 5.86 -2.95 -6.32
CA ARG A 68 6.93 -3.93 -6.51
C ARG A 68 6.57 -5.16 -5.66
N ARG A 69 6.62 -6.35 -6.26
CA ARG A 69 6.26 -7.58 -5.55
C ARG A 69 7.16 -7.97 -4.38
N GLU A 70 8.44 -7.65 -4.45
CA GLU A 70 9.37 -8.02 -3.37
C GLU A 70 9.24 -7.26 -2.05
N ASN A 71 8.55 -6.12 -2.04
CA ASN A 71 8.38 -5.34 -0.81
C ASN A 71 7.13 -4.46 -0.73
N LEU A 72 6.30 -4.48 -1.78
CA LEU A 72 5.07 -3.69 -1.88
C LEU A 72 5.27 -2.17 -1.94
N TYR A 73 6.47 -1.71 -2.29
CA TYR A 73 6.74 -0.28 -2.42
C TYR A 73 6.12 0.24 -3.73
N VAL A 74 5.73 1.51 -3.74
CA VAL A 74 5.10 2.12 -4.91
C VAL A 74 6.10 2.43 -6.03
N VAL A 75 5.69 2.22 -7.28
CA VAL A 75 6.56 2.51 -8.41
C VAL A 75 5.96 3.47 -9.46
N ALA A 76 4.63 3.53 -9.54
CA ALA A 76 3.98 4.42 -10.53
C ALA A 76 2.45 4.37 -10.48
N TYR A 77 1.80 5.29 -11.20
CA TYR A 77 0.34 5.31 -11.30
C TYR A 77 -0.11 5.77 -12.70
N LEU A 78 -1.34 5.39 -13.06
CA LEU A 78 -1.95 5.71 -14.36
C LEU A 78 -3.25 6.49 -14.23
N ALA A 79 -3.39 7.56 -15.03
CA ALA A 79 -4.60 8.39 -15.02
C ALA A 79 -4.76 9.23 -16.30
N MET A 80 -6.00 9.39 -16.76
CA MET A 80 -6.29 10.20 -17.95
C MET A 80 -6.22 11.69 -17.63
N ASP A 81 -5.76 12.50 -18.59
CA ASP A 81 -5.68 13.95 -18.39
C ASP A 81 -7.00 14.61 -18.83
N ASN A 82 -7.01 15.94 -18.88
CA ASN A 82 -8.22 16.68 -19.27
C ASN A 82 -8.63 16.48 -20.72
N ALA A 83 -7.77 15.85 -21.52
CA ALA A 83 -8.07 15.58 -22.92
C ALA A 83 -8.45 14.11 -23.08
N ASN A 84 -8.61 13.42 -21.96
CA ASN A 84 -8.96 12.00 -21.95
C ASN A 84 -7.89 11.06 -22.48
N VAL A 85 -6.63 11.51 -22.41
CA VAL A 85 -5.50 10.70 -22.87
C VAL A 85 -4.79 10.07 -21.67
N ASN A 86 -4.49 8.78 -21.76
CA ASN A 86 -3.81 8.07 -20.67
C ASN A 86 -2.35 8.46 -20.51
N ARG A 87 -1.96 8.75 -19.27
CA ARG A 87 -0.58 9.13 -18.94
C ARG A 87 -0.07 8.32 -17.72
N ALA A 88 1.24 8.09 -17.66
CA ALA A 88 1.84 7.34 -16.55
C ALA A 88 2.91 8.20 -15.87
N TYR A 89 2.94 8.14 -14.53
CA TYR A 89 3.88 8.90 -13.72
C TYR A 89 4.68 7.90 -12.86
N TYR A 90 6.01 7.94 -12.95
CA TYR A 90 6.83 6.97 -12.21
C TYR A 90 8.06 7.48 -11.45
N PHE A 91 8.49 6.68 -10.47
CA PHE A 91 9.68 6.98 -9.68
C PHE A 91 10.81 6.24 -10.41
N LYS A 92 11.77 6.98 -10.95
CA LYS A 92 12.87 6.39 -11.75
C LYS A 92 13.77 5.32 -11.12
N ASN A 93 14.00 5.37 -9.82
CA ASN A 93 14.86 4.36 -9.21
C ASN A 93 14.09 3.07 -8.92
N GLN A 94 12.87 2.96 -9.46
CA GLN A 94 12.05 1.77 -9.24
C GLN A 94 11.66 1.00 -10.52
N ILE A 95 11.59 1.67 -11.67
CA ILE A 95 11.17 1.00 -12.90
C ILE A 95 11.67 1.69 -14.19
N THR A 96 11.87 0.89 -15.25
CA THR A 96 12.36 1.42 -16.52
C THR A 96 11.23 1.63 -17.54
N SER A 97 11.56 2.30 -18.65
CA SER A 97 10.58 2.56 -19.70
C SER A 97 9.97 1.29 -20.28
N ALA A 98 10.81 0.31 -20.60
CA ALA A 98 10.34 -0.95 -21.16
C ALA A 98 9.45 -1.70 -20.18
N GLU A 99 9.81 -1.65 -18.90
CA GLU A 99 9.02 -2.33 -17.87
C GLU A 99 7.69 -1.62 -17.69
N LEU A 100 7.70 -0.29 -17.83
CA LEU A 100 6.49 0.52 -17.68
C LEU A 100 5.52 0.25 -18.83
N THR A 101 6.06 -0.06 -20.01
CA THR A 101 5.23 -0.35 -21.18
C THR A 101 4.51 -1.70 -20.98
N ALA A 102 5.17 -2.64 -20.32
CA ALA A 102 4.57 -3.95 -20.05
C ALA A 102 3.52 -3.84 -18.95
N LEU A 103 3.76 -2.94 -17.99
CA LEU A 103 2.84 -2.72 -16.88
C LEU A 103 1.58 -1.96 -17.29
N PHE A 104 1.75 -0.84 -17.99
CA PHE A 104 0.64 0.00 -18.48
C PHE A 104 0.74 0.09 -20.01
N PRO A 105 0.35 -0.98 -20.73
CA PRO A 105 0.46 -0.88 -22.19
C PRO A 105 -0.44 0.11 -22.94
N GLU A 106 -1.33 0.80 -22.23
CA GLU A 106 -2.20 1.78 -22.88
C GLU A 106 -1.57 3.17 -22.94
N VAL A 107 -0.38 3.31 -22.38
CA VAL A 107 0.34 4.60 -22.37
C VAL A 107 1.55 4.52 -23.30
N VAL A 108 1.60 5.41 -24.30
CA VAL A 108 2.72 5.44 -25.25
C VAL A 108 3.97 6.00 -24.55
N VAL A 109 5.14 5.65 -25.08
CA VAL A 109 6.41 6.08 -24.49
C VAL A 109 6.50 7.59 -24.21
N ALA A 110 6.06 8.40 -25.17
CA ALA A 110 6.10 9.85 -25.02
C ALA A 110 5.27 10.40 -23.86
N ASN A 111 4.32 9.61 -23.36
CA ASN A 111 3.48 10.07 -22.26
C ASN A 111 3.84 9.49 -20.89
N GLN A 112 5.07 8.99 -20.76
CA GLN A 112 5.60 8.46 -19.52
C GLN A 112 6.43 9.59 -18.89
N LYS A 113 6.07 10.06 -17.70
CA LYS A 113 6.83 11.14 -17.06
C LYS A 113 7.38 10.81 -15.67
N GLN A 114 8.64 11.17 -15.44
CA GLN A 114 9.31 10.94 -14.17
C GLN A 114 8.83 11.92 -13.11
N LEU A 115 8.58 11.42 -11.91
CA LEU A 115 8.12 12.27 -10.80
C LEU A 115 9.30 13.09 -10.27
N GLU A 116 9.05 14.35 -9.92
CA GLU A 116 10.09 15.23 -9.44
C GLU A 116 10.41 15.18 -7.95
N TYR A 117 9.76 14.28 -7.22
CA TYR A 117 10.00 14.14 -5.79
C TYR A 117 10.15 12.68 -5.38
N GLY A 118 10.69 12.43 -4.19
CA GLY A 118 10.90 11.08 -3.72
C GLY A 118 9.62 10.36 -3.32
N GLU A 119 9.69 9.04 -3.14
CA GLU A 119 8.50 8.28 -2.77
C GLU A 119 8.40 8.03 -1.27
N ASP A 120 9.25 8.67 -0.49
CA ASP A 120 9.21 8.53 0.96
C ASP A 120 8.07 9.43 1.46
N TYR A 121 7.39 9.00 2.54
CA TYR A 121 6.27 9.77 3.07
C TYR A 121 6.54 11.26 3.32
N GLN A 122 7.71 11.57 3.87
CA GLN A 122 8.08 12.94 4.17
C GLN A 122 8.01 13.85 2.93
N ALA A 123 8.58 13.39 1.83
CA ALA A 123 8.59 14.16 0.58
C ALA A 123 7.20 14.31 -0.02
N ILE A 124 6.40 13.24 0.00
CA ILE A 124 5.05 13.29 -0.55
C ILE A 124 4.17 14.23 0.27
N GLU A 125 4.29 14.15 1.59
CA GLU A 125 3.52 14.99 2.50
C GLU A 125 3.78 16.49 2.29
N LYS A 126 5.04 16.85 2.06
CA LYS A 126 5.39 18.25 1.83
C LYS A 126 4.63 18.82 0.64
N ASN A 127 4.57 18.04 -0.44
CA ASN A 127 3.88 18.46 -1.65
C ASN A 127 2.36 18.45 -1.54
N ALA A 128 1.84 17.83 -0.49
CA ALA A 128 0.39 17.75 -0.27
C ALA A 128 -0.20 19.04 0.32
N LYS A 129 0.67 19.90 0.84
CA LYS A 129 0.25 21.18 1.42
C LYS A 129 -0.89 21.09 2.43
N ILE A 130 -0.72 20.26 3.47
CA ILE A 130 -1.75 20.10 4.51
C ILE A 130 -1.54 21.23 5.52
N THR A 131 -2.63 21.91 5.91
CA THR A 131 -2.51 23.06 6.81
C THR A 131 -3.06 23.00 8.24
N THR A 132 -3.34 21.82 8.76
CA THR A 132 -3.82 21.69 10.13
C THR A 132 -3.03 20.63 10.88
N GLY A 133 -3.09 20.65 12.21
CA GLY A 133 -2.38 19.67 13.02
C GLY A 133 -0.88 19.57 12.76
N ASP A 134 -0.35 18.36 12.68
CA ASP A 134 1.07 18.18 12.42
C ASP A 134 1.40 18.17 10.93
N GLN A 135 0.38 18.40 10.11
CA GLN A 135 0.50 18.45 8.65
C GLN A 135 1.01 17.18 7.97
N SER A 136 0.83 16.03 8.62
CA SER A 136 1.25 14.74 8.06
C SER A 136 0.04 14.04 7.45
N ARG A 137 0.25 12.86 6.87
CA ARG A 137 -0.84 12.10 6.26
C ARG A 137 -1.99 11.77 7.21
N LYS A 138 -1.69 11.65 8.50
CA LYS A 138 -2.71 11.31 9.50
C LYS A 138 -3.88 12.30 9.49
N GLU A 139 -3.60 13.57 9.24
CA GLU A 139 -4.61 14.62 9.23
C GLU A 139 -5.67 14.53 8.13
N LEU A 140 -5.45 13.66 7.15
CA LEU A 140 -6.40 13.47 6.05
C LEU A 140 -7.51 12.46 6.34
N GLY A 141 -7.25 11.52 7.27
CA GLY A 141 -8.22 10.49 7.57
C GLY A 141 -8.04 9.26 6.67
N LEU A 142 -8.97 8.31 6.75
CA LEU A 142 -8.95 7.08 5.94
C LEU A 142 -10.37 6.67 5.54
N GLY A 143 -10.49 5.63 4.71
CA GLY A 143 -11.81 5.14 4.31
C GLY A 143 -12.12 5.03 2.83
N ILE A 144 -13.08 4.18 2.47
CA ILE A 144 -13.46 3.96 1.07
C ILE A 144 -13.97 5.25 0.39
N ASN A 145 -14.87 5.97 1.03
CA ASN A 145 -15.39 7.22 0.45
C ASN A 145 -14.28 8.27 0.25
N LEU A 146 -13.27 8.26 1.11
CA LEU A 146 -12.16 9.20 0.98
C LEU A 146 -11.32 8.85 -0.25
N LEU A 147 -11.09 7.55 -0.47
CA LEU A 147 -10.32 7.11 -1.64
C LEU A 147 -11.05 7.56 -2.92
N ILE A 148 -12.37 7.44 -2.92
CA ILE A 148 -13.18 7.86 -4.08
C ILE A 148 -13.03 9.36 -4.36
N THR A 149 -13.11 10.19 -3.32
CA THR A 149 -12.96 11.63 -3.48
C THR A 149 -11.57 12.01 -3.99
N MET A 150 -10.52 11.38 -3.47
CA MET A 150 -9.16 11.70 -3.90
C MET A 150 -8.89 11.26 -5.34
N ILE A 151 -9.52 10.19 -5.78
CA ILE A 151 -9.36 9.72 -7.16
C ILE A 151 -9.91 10.75 -8.14
N ASP A 152 -10.98 11.44 -7.74
CA ASP A 152 -11.57 12.46 -8.60
C ASP A 152 -10.60 13.60 -8.87
N GLY A 153 -9.59 13.74 -8.03
CA GLY A 153 -8.60 14.79 -8.21
C GLY A 153 -7.58 14.52 -9.31
N VAL A 154 -7.54 13.29 -9.82
CA VAL A 154 -6.61 12.92 -10.88
C VAL A 154 -7.27 12.33 -12.12
N ASN A 155 -8.49 11.80 -11.98
CA ASN A 155 -9.21 11.20 -13.10
C ASN A 155 -9.76 12.25 -14.09
N LYS A 156 -9.23 12.24 -15.31
CA LYS A 156 -9.64 13.19 -16.35
C LYS A 156 -9.42 14.65 -15.98
N LYS A 157 -8.27 14.94 -15.37
CA LYS A 157 -7.94 16.29 -14.94
C LYS A 157 -6.52 16.74 -15.31
N VAL A 158 -6.32 18.05 -15.39
CA VAL A 158 -4.99 18.58 -15.66
C VAL A 158 -4.22 18.30 -14.37
N ARG A 159 -3.00 17.80 -14.50
CA ARG A 159 -2.20 17.46 -13.32
C ARG A 159 -1.83 18.61 -12.39
N VAL A 160 -2.14 18.44 -11.12
CA VAL A 160 -1.84 19.40 -10.07
C VAL A 160 -1.11 18.65 -8.97
N VAL A 161 0.13 19.00 -8.71
CA VAL A 161 0.94 18.32 -7.70
C VAL A 161 0.25 18.10 -6.35
N LYS A 162 -0.39 19.15 -5.83
CA LYS A 162 -1.08 19.05 -4.55
C LYS A 162 -2.10 17.91 -4.51
N ASP A 163 -2.92 17.81 -5.55
CA ASP A 163 -3.94 16.77 -5.63
C ASP A 163 -3.35 15.38 -5.88
N GLU A 164 -2.27 15.34 -6.66
CA GLU A 164 -1.59 14.08 -6.96
C GLU A 164 -1.02 13.48 -5.67
N ALA A 165 -0.38 14.32 -4.88
CA ALA A 165 0.23 13.89 -3.63
C ALA A 165 -0.80 13.37 -2.62
N ARG A 166 -1.93 14.06 -2.51
CA ARG A 166 -2.98 13.63 -1.59
C ARG A 166 -3.57 12.27 -2.02
N PHE A 167 -3.68 12.05 -3.34
CA PHE A 167 -4.19 10.79 -3.86
C PHE A 167 -3.22 9.65 -3.51
N LEU A 168 -1.92 9.89 -3.70
CA LEU A 168 -0.92 8.87 -3.40
C LEU A 168 -0.90 8.48 -1.91
N LEU A 169 -1.01 9.46 -1.01
CA LEU A 169 -1.00 9.17 0.41
C LEU A 169 -2.15 8.24 0.83
N ILE A 170 -3.34 8.45 0.28
CA ILE A 170 -4.47 7.59 0.62
C ILE A 170 -4.44 6.23 -0.12
N ALA A 171 -4.04 6.24 -1.39
CA ALA A 171 -3.97 5.01 -2.17
C ALA A 171 -2.95 3.99 -1.61
N ILE A 172 -1.79 4.48 -1.20
CA ILE A 172 -0.75 3.62 -0.64
C ILE A 172 -1.20 2.98 0.70
N GLN A 173 -1.78 3.78 1.58
CA GLN A 173 -2.26 3.28 2.87
C GLN A 173 -3.43 2.29 2.75
N MET A 174 -4.33 2.54 1.79
CA MET A 174 -5.49 1.66 1.60
C MET A 174 -5.17 0.34 0.87
N THR A 175 -3.95 0.21 0.32
CA THR A 175 -3.54 -1.02 -0.36
C THR A 175 -2.35 -1.68 0.36
N ALA A 176 -1.15 -1.16 0.16
CA ALA A 176 0.05 -1.72 0.80
C ALA A 176 0.02 -1.78 2.33
N GLU A 177 -0.29 -0.67 3.01
CA GLU A 177 -0.30 -0.71 4.48
C GLU A 177 -1.43 -1.59 5.04
N ALA A 178 -2.61 -1.58 4.42
CA ALA A 178 -3.71 -2.42 4.89
C ALA A 178 -3.37 -3.90 4.69
N ALA A 179 -2.60 -4.23 3.66
CA ALA A 179 -2.21 -5.61 3.42
C ALA A 179 -1.26 -6.09 4.52
N ARG A 180 -0.37 -5.19 4.97
CA ARG A 180 0.61 -5.50 6.02
C ARG A 180 0.00 -5.58 7.43
N PHE A 181 -0.98 -4.71 7.71
CA PHE A 181 -1.59 -4.60 9.03
C PHE A 181 -3.12 -4.83 9.10
N ARG A 182 -3.55 -5.95 9.68
CA ARG A 182 -5.00 -6.21 9.79
C ARG A 182 -5.70 -5.18 10.69
N TYR A 183 -4.98 -4.50 11.57
CA TYR A 183 -5.60 -3.48 12.42
C TYR A 183 -6.19 -2.39 11.52
N ILE A 184 -5.46 -2.03 10.46
CA ILE A 184 -5.91 -1.01 9.51
C ILE A 184 -7.08 -1.54 8.66
N GLN A 185 -6.98 -2.78 8.19
CA GLN A 185 -8.06 -3.39 7.40
C GLN A 185 -9.36 -3.40 8.20
N ASN A 186 -9.27 -3.78 9.47
CA ASN A 186 -10.43 -3.86 10.37
C ASN A 186 -11.10 -2.49 10.59
N LEU A 187 -10.33 -1.41 10.66
CA LEU A 187 -10.90 -0.07 10.83
C LEU A 187 -11.71 0.30 9.58
N VAL A 188 -11.19 -0.03 8.40
CA VAL A 188 -11.89 0.27 7.16
C VAL A 188 -13.23 -0.48 7.04
N THR A 189 -13.23 -1.77 7.36
CA THR A 189 -14.47 -2.55 7.27
C THR A 189 -15.49 -2.20 8.38
N LYS A 190 -15.03 -1.88 9.58
CA LYS A 190 -15.95 -1.52 10.66
C LYS A 190 -16.72 -0.23 10.31
N ASN A 191 -16.02 0.72 9.69
CA ASN A 191 -16.59 2.02 9.31
C ASN A 191 -17.16 2.05 7.88
N PHE A 192 -17.09 0.94 7.15
CA PHE A 192 -17.54 0.88 5.76
C PHE A 192 -18.91 1.51 5.47
N PRO A 193 -18.99 2.34 4.42
CA PRO A 193 -17.93 2.75 3.49
C PRO A 193 -17.43 4.18 3.78
N ASN A 194 -17.76 4.69 4.95
CA ASN A 194 -17.42 6.05 5.34
C ASN A 194 -15.96 6.43 5.57
N LYS A 195 -15.73 7.73 5.50
CA LYS A 195 -14.45 8.37 5.76
C LYS A 195 -14.45 8.44 7.31
N PHE A 196 -13.27 8.33 7.92
CA PHE A 196 -13.15 8.38 9.39
C PHE A 196 -11.76 8.86 9.82
N ASP A 197 -11.58 9.14 11.11
CA ASP A 197 -10.31 9.63 11.65
C ASP A 197 -9.21 8.57 11.76
N SER A 198 -7.97 8.95 11.50
CA SER A 198 -6.83 8.03 11.65
C SER A 198 -6.37 8.14 13.12
N GLU A 199 -5.31 7.42 13.49
CA GLU A 199 -4.83 7.41 14.88
C GLU A 199 -3.31 7.34 15.00
N ASN A 200 -2.77 7.67 16.18
CA ASN A 200 -1.33 7.59 16.39
C ASN A 200 -0.88 6.13 16.22
N LYS A 201 -1.74 5.20 16.64
CA LYS A 201 -1.44 3.77 16.55
C LYS A 201 -1.23 3.31 15.10
N VAL A 202 -1.99 3.89 14.18
CA VAL A 202 -1.87 3.57 12.75
C VAL A 202 -0.48 3.94 12.23
N ILE A 203 -0.01 5.13 12.58
CA ILE A 203 1.31 5.61 12.15
C ILE A 203 2.44 4.81 12.82
N GLN A 204 2.26 4.48 14.11
CA GLN A 204 3.27 3.70 14.83
C GLN A 204 3.49 2.32 14.19
N PHE A 205 2.40 1.69 13.74
CA PHE A 205 2.50 0.38 13.05
C PHE A 205 3.35 0.57 11.76
N GLN A 206 2.96 1.55 10.93
CA GLN A 206 3.65 1.80 9.67
C GLN A 206 5.17 2.02 9.76
N VAL A 207 5.62 2.83 10.72
CA VAL A 207 7.05 3.09 10.86
C VAL A 207 7.81 1.91 11.49
N SER A 208 7.08 0.94 12.06
CA SER A 208 7.69 -0.23 12.72
C SER A 208 7.59 -1.56 11.95
N TRP A 209 7.28 -1.53 10.66
CA TRP A 209 7.16 -2.79 9.90
C TRP A 209 8.41 -3.67 9.95
N SER A 210 9.58 -3.07 9.74
CA SER A 210 10.83 -3.84 9.78
C SER A 210 11.15 -4.37 11.18
N LYS A 211 10.97 -3.53 12.20
CA LYS A 211 11.23 -3.96 13.59
C LYS A 211 10.32 -5.11 14.03
N ILE A 212 9.05 -5.03 13.67
CA ILE A 212 8.08 -6.08 14.03
C ILE A 212 8.44 -7.39 13.30
N SER A 213 8.70 -7.30 12.00
CA SER A 213 9.06 -8.48 11.23
C SER A 213 10.34 -9.14 11.77
N THR A 214 11.31 -8.31 12.18
CA THR A 214 12.58 -8.80 12.74
C THR A 214 12.39 -9.53 14.09
N ALA A 215 11.53 -8.99 14.94
CA ALA A 215 11.26 -9.60 16.25
C ALA A 215 10.59 -10.98 16.10
N ILE A 216 9.66 -11.11 15.16
CA ILE A 216 8.98 -12.39 14.94
C ILE A 216 9.93 -13.40 14.27
N PHE A 217 10.75 -12.93 13.33
CA PHE A 217 11.71 -13.77 12.61
C PHE A 217 12.83 -14.37 13.47
N GLY A 218 13.36 -13.61 14.42
CA GLY A 218 14.44 -14.12 15.24
C GLY A 218 14.40 -14.05 16.76
N ASP A 219 13.27 -13.67 17.36
CA ASP A 219 13.19 -13.58 18.83
C ASP A 219 11.78 -13.97 19.30
N CYS A 220 11.20 -14.97 18.64
CA CYS A 220 9.84 -15.45 18.92
C CYS A 220 9.75 -16.98 18.78
N LYS A 221 9.14 -17.63 19.78
CA LYS A 221 8.98 -19.10 19.79
C LYS A 221 7.50 -19.48 19.90
N ASN A 222 6.98 -20.20 18.90
CA ASN A 222 5.59 -20.63 18.88
C ASN A 222 4.62 -19.50 19.23
N GLY A 223 4.86 -18.34 18.63
CA GLY A 223 4.01 -17.18 18.84
C GLY A 223 4.26 -16.32 20.08
N VAL A 224 5.26 -16.68 20.88
CA VAL A 224 5.57 -15.93 22.10
C VAL A 224 6.96 -15.27 22.03
N PHE A 225 7.00 -13.94 22.18
CA PHE A 225 8.27 -13.21 22.14
C PHE A 225 9.12 -13.61 23.36
N ASN A 226 10.44 -13.65 23.19
CA ASN A 226 11.34 -14.02 24.29
C ASN A 226 11.49 -12.92 25.36
N LYS A 227 11.01 -11.73 25.04
CA LYS A 227 11.07 -10.58 25.95
C LYS A 227 9.98 -9.59 25.55
N ASP A 228 9.70 -8.60 26.40
CA ASP A 228 8.67 -7.60 26.11
C ASP A 228 9.10 -6.63 25.01
N TYR A 229 8.15 -6.25 24.16
CA TYR A 229 8.40 -5.29 23.08
C TYR A 229 7.35 -4.18 23.11
N ASP A 230 7.76 -2.96 22.75
CA ASP A 230 6.84 -1.83 22.69
C ASP A 230 7.16 -1.04 21.43
N PHE A 231 6.19 -0.98 20.52
CA PHE A 231 6.36 -0.27 19.25
C PHE A 231 5.67 1.09 19.25
N GLY A 232 5.29 1.56 20.43
CA GLY A 232 4.66 2.86 20.54
C GLY A 232 3.27 2.89 21.16
N PHE A 233 2.50 1.82 20.99
CA PHE A 233 1.14 1.76 21.52
C PHE A 233 0.95 0.85 22.73
N GLY A 234 2.05 0.45 23.37
CA GLY A 234 1.93 -0.42 24.53
C GLY A 234 2.81 -1.66 24.50
N LYS A 235 2.94 -2.29 25.66
CA LYS A 235 3.75 -3.49 25.81
C LYS A 235 3.06 -4.71 25.22
N VAL A 236 3.83 -5.56 24.53
CA VAL A 236 3.28 -6.77 23.91
C VAL A 236 4.23 -7.96 24.13
N ARG A 237 3.65 -9.13 24.36
CA ARG A 237 4.44 -10.35 24.57
C ARG A 237 3.97 -11.50 23.66
N GLN A 238 2.75 -11.38 23.15
CA GLN A 238 2.18 -12.39 22.25
C GLN A 238 2.12 -11.79 20.83
N ALA A 239 2.65 -12.49 19.85
CA ALA A 239 2.66 -11.99 18.47
C ALA A 239 1.25 -11.75 17.91
N LYS A 240 0.29 -12.58 18.31
CA LYS A 240 -1.07 -12.47 17.83
C LYS A 240 -1.74 -11.13 18.19
N ASP A 241 -1.29 -10.49 19.26
CA ASP A 241 -1.88 -9.21 19.65
C ASP A 241 -1.57 -8.08 18.68
N LEU A 242 -0.64 -8.31 17.76
CA LEU A 242 -0.26 -7.29 16.77
C LEU A 242 -1.14 -7.37 15.51
N GLN A 243 -1.92 -8.44 15.39
CA GLN A 243 -2.82 -8.65 14.25
C GLN A 243 -2.15 -8.36 12.89
N MET A 244 -1.00 -8.98 12.64
CA MET A 244 -0.28 -8.76 11.39
C MET A 244 -0.90 -9.48 10.18
N GLY A 245 -0.76 -8.86 9.02
CA GLY A 245 -1.29 -9.42 7.77
C GLY A 245 -0.23 -9.89 6.77
N LEU A 246 0.95 -9.27 6.79
CA LEU A 246 2.05 -9.64 5.88
C LEU A 246 3.40 -9.15 6.42
N LEU A 247 4.38 -10.07 6.53
CA LEU A 247 5.70 -9.74 7.05
C LEU A 247 6.77 -9.53 5.95
N LYS A 248 7.76 -8.69 6.25
CA LYS A 248 8.87 -8.36 5.35
C LYS A 248 9.82 -9.56 5.17
N TYR A 249 10.35 -9.77 3.95
CA TYR A 249 11.26 -10.88 3.69
C TYR A 249 12.63 -10.62 4.32
N LEU A 250 13.08 -11.57 5.16
CA LEU A 250 14.36 -11.45 5.85
C LEU A 250 15.24 -12.71 5.69
N GLY A 251 14.80 -13.64 4.84
CA GLY A 251 15.53 -14.89 4.62
C GLY A 251 14.74 -16.09 5.14
N ARG A 252 15.38 -17.26 5.20
CA ARG A 252 14.71 -18.47 5.69
C ARG A 252 15.07 -18.72 7.17
N PRO A 253 14.11 -19.23 7.97
CA PRO A 253 14.35 -19.52 9.39
C PRO A 253 15.54 -20.44 9.61
N LYS A 254 16.29 -20.20 10.69
CA LYS A 254 17.46 -21.02 10.99
C LYS A 254 17.13 -22.19 11.91
N SER A 255 17.83 -23.30 11.72
CA SER A 255 17.66 -24.53 12.51
C SER A 255 16.68 -25.48 11.84
#